data_5HZ3
#
_entry.id   5HZ3
#
_cell.length_a   179.174
_cell.length_b   179.174
_cell.length_c   88.402
_cell.angle_alpha   90.000
_cell.angle_beta   90.000
_cell.angle_gamma   120.000
#
_symmetry.space_group_name_H-M   'H 3'
#
loop_
_entity.id
_entity.type
_entity.pdbx_description
1 polymer 'Probable LRR receptor-like serine/threonine-protein kinase At4g26540'
2 polymer ASP-PTR-PRO-LYS-PRO-SER-THR-ARG-PRO-HYP-ARG-HIS-ASN
3 branched 2-acetamido-2-deoxy-beta-D-glucopyranose-(1-4)-2-acetamido-2-deoxy-beta-D-glucopyranose
4 non-polymer 2-acetamido-2-deoxy-beta-D-glucopyranose
#
loop_
_entity_poly.entity_id
_entity_poly.type
_entity_poly.pdbx_seq_one_letter_code
_entity_poly.pdbx_strand_id
1 'polypeptide(L)'
;CNWTGVKCNRRGEVSEIQLKEKQLQGSLPVTSLRSLKSLTSLTLSSLQLTGVIPKEIGDFTELELLDLSDNSLSGDIPVE
IFRLKKLKTLSLNTNNLEGHIPMEIGNLSGLVELMLFDNKLSGEIPRSIGELKNLQVLRAGGNKNLRGELPWEIGNCENL
VMLGLAETSLSGKLPASIGNLKRVQTIAIYTSLLSGPIPDEIGYCTELQNLYLYQNSISGSIPTTIGGLKKLQSLLLWQN
NLVGKIPTELGNCPELWLIDFSENLLTGTIPRSFGKLENLQELQLSVNQISGTIPEELTNCTKLTHLEIDNNLITGEIPS
LMSNLRSLTMFFAWQNKLTGNIPQSLSQCRELQAIDLSYNSLSGSIPKEIFGLRNLTKLLLLSNDLSGFIPPDIGNCTNL
YRLRLNGNRLAGSIPSEIGNLKNLNFVDISENRLVGSIPPAISGCESLEFLDLHTNSLSGSLLGTTLPKSLKFIDFSDNA
LSSTLPPGIGLLTELTKLNLAKNRLSGEIPREISTCRSLQLLNLGENDFSGEIPDELGQIPSLAISLNLSCNRFVGEIPS
RFSDLKNLGVLDVSHNQLTGNLNVLTDLQNLVSLNISYNDFSGDLPNTPFFRRLPLSDLASNRGLYISNAIST
;
B
2 'polypeptide(L)' D(PTR)PKPSTRP(HZP)RHN A
#
# COMPACT_ATOMS: atom_id res chain seq x y z
N CYS A 1 42.13 -19.67 -34.68
CA CYS A 1 41.53 -19.47 -33.37
C CYS A 1 41.45 -17.98 -32.99
N ASN A 2 41.23 -17.14 -33.99
CA ASN A 2 41.08 -15.70 -33.82
C ASN A 2 39.61 -15.27 -33.69
N TRP A 3 38.71 -16.26 -33.62
CA TRP A 3 37.27 -16.00 -33.64
C TRP A 3 36.82 -15.01 -32.56
N THR A 4 35.77 -14.25 -32.86
CA THR A 4 35.24 -13.26 -31.93
C THR A 4 34.60 -13.96 -30.73
N GLY A 5 35.04 -13.59 -29.53
CA GLY A 5 34.61 -14.26 -28.32
C GLY A 5 35.67 -15.19 -27.74
N VAL A 6 36.80 -15.28 -28.42
CA VAL A 6 37.90 -16.13 -27.96
C VAL A 6 39.16 -15.29 -27.72
N LYS A 7 39.84 -15.54 -26.60
CA LYS A 7 41.09 -14.87 -26.26
C LYS A 7 42.18 -15.92 -26.10
N CYS A 8 43.26 -15.80 -26.85
CA CYS A 8 44.37 -16.75 -26.73
C CYS A 8 45.44 -16.22 -25.78
N ASN A 9 46.02 -17.12 -24.98
CA ASN A 9 47.11 -16.76 -24.07
C ASN A 9 48.38 -16.43 -24.86
N ARG A 10 49.32 -15.74 -24.24
CA ARG A 10 50.57 -15.38 -24.94
C ARG A 10 51.44 -16.61 -25.29
N ARG A 11 51.09 -17.79 -24.79
CA ARG A 11 51.70 -19.06 -25.27
C ARG A 11 50.89 -19.75 -26.40
N GLY A 12 49.80 -19.13 -26.82
CA GLY A 12 49.10 -19.58 -28.01
C GLY A 12 47.86 -20.43 -27.89
N GLU A 13 47.69 -21.17 -26.79
CA GLU A 13 46.46 -21.94 -26.57
C GLU A 13 45.31 -21.05 -26.06
N VAL A 14 44.11 -21.57 -26.30
CA VAL A 14 42.88 -20.97 -25.83
C VAL A 14 42.96 -20.63 -24.34
N SER A 15 42.55 -19.41 -24.05
CA SER A 15 42.60 -18.85 -22.71
C SER A 15 41.17 -18.58 -22.25
N GLU A 16 40.44 -17.75 -22.97
CA GLU A 16 39.08 -17.36 -22.56
C GLU A 16 37.98 -17.65 -23.60
N ILE A 17 36.83 -18.12 -23.12
CA ILE A 17 35.63 -18.24 -23.95
C ILE A 17 34.52 -17.33 -23.44
N GLN A 18 33.91 -16.56 -24.35
CA GLN A 18 32.87 -15.59 -23.98
C GLN A 18 31.66 -15.58 -24.93
N LEU A 19 30.48 -15.86 -24.38
CA LEU A 19 29.24 -15.81 -25.16
C LEU A 19 28.08 -15.23 -24.35
N LYS A 20 27.38 -14.24 -24.93
CA LYS A 20 26.24 -13.61 -24.26
C LYS A 20 25.08 -13.21 -25.18
N GLU A 21 23.86 -13.54 -24.76
CA GLU A 21 22.63 -13.23 -25.49
C GLU A 21 22.54 -13.82 -26.90
N LYS A 22 22.92 -15.09 -27.03
CA LYS A 22 22.88 -15.77 -28.32
C LYS A 22 21.66 -16.68 -28.55
N GLN A 23 20.76 -16.73 -27.56
CA GLN A 23 19.50 -17.46 -27.67
C GLN A 23 19.60 -18.95 -28.05
N LEU A 24 20.52 -19.66 -27.39
CA LEU A 24 20.74 -21.10 -27.61
C LEU A 24 19.69 -21.92 -26.85
N GLN A 25 19.97 -23.21 -26.66
CA GLN A 25 19.10 -24.09 -25.87
C GLN A 25 19.71 -25.47 -25.64
N GLY A 26 19.14 -26.20 -24.69
CA GLY A 26 19.56 -27.56 -24.38
C GLY A 26 20.63 -27.67 -23.31
N SER A 27 21.38 -28.75 -23.35
CA SER A 27 22.51 -28.94 -22.45
C SER A 27 23.69 -28.14 -22.99
N LEU A 28 24.89 -28.39 -22.48
CA LEU A 28 26.01 -27.54 -22.86
C LEU A 28 27.31 -28.31 -23.09
N LEU A 36 42.06 -28.30 -25.18
CA LEU A 36 42.23 -26.99 -24.56
C LEU A 36 42.07 -27.05 -23.04
N LYS A 37 43.07 -27.66 -22.40
CA LYS A 37 43.06 -27.83 -20.95
C LYS A 37 43.71 -26.62 -20.29
N SER A 38 44.02 -25.62 -21.12
CA SER A 38 44.58 -24.35 -20.66
C SER A 38 43.59 -23.18 -20.52
N LEU A 39 42.30 -23.42 -20.76
CA LEU A 39 41.32 -22.33 -20.78
C LEU A 39 41.16 -21.77 -19.38
N THR A 40 41.45 -20.48 -19.23
CA THR A 40 41.48 -19.84 -17.92
C THR A 40 40.18 -19.14 -17.45
N SER A 41 39.29 -18.84 -18.40
CA SER A 41 38.01 -18.22 -18.07
C SER A 41 36.90 -18.70 -18.99
N LEU A 42 35.76 -19.04 -18.40
CA LEU A 42 34.66 -19.58 -19.18
C LEU A 42 33.38 -18.83 -18.89
N THR A 43 32.82 -18.21 -19.92
CA THR A 43 31.57 -17.49 -19.74
C THR A 43 30.57 -17.94 -20.77
N LEU A 44 29.57 -18.69 -20.30
CA LEU A 44 28.41 -18.99 -21.11
C LEU A 44 27.22 -18.46 -20.32
N SER A 45 26.65 -17.36 -20.80
CA SER A 45 25.69 -16.58 -20.03
C SER A 45 24.64 -15.98 -20.95
N SER A 46 23.38 -15.99 -20.50
CA SER A 46 22.23 -15.59 -21.32
C SER A 46 22.05 -16.49 -22.55
N LEU A 47 22.36 -17.78 -22.39
CA LEU A 47 22.26 -18.73 -23.49
C LEU A 47 21.05 -19.68 -23.51
N GLN A 48 20.14 -19.52 -22.55
CA GLN A 48 18.92 -20.33 -22.49
C GLN A 48 19.18 -21.84 -22.42
N LEU A 49 20.36 -22.21 -21.91
CA LEU A 49 20.73 -23.61 -21.76
C LEU A 49 19.90 -24.30 -20.68
N THR A 50 19.74 -25.61 -20.81
CA THR A 50 19.03 -26.39 -19.80
C THR A 50 19.83 -27.57 -19.27
N GLY A 51 19.20 -28.35 -18.41
CA GLY A 51 19.79 -29.57 -17.90
C GLY A 51 20.84 -29.32 -16.83
N VAL A 52 21.60 -30.36 -16.54
CA VAL A 52 22.61 -30.30 -15.50
C VAL A 52 23.88 -29.60 -15.99
N ILE A 53 24.64 -29.05 -15.04
CA ILE A 53 26.02 -28.64 -15.28
C ILE A 53 26.83 -29.92 -15.44
N PRO A 54 27.42 -30.13 -16.62
CA PRO A 54 28.19 -31.36 -16.84
C PRO A 54 29.29 -31.49 -15.82
N LYS A 55 29.40 -32.67 -15.21
CA LYS A 55 30.39 -32.97 -14.19
C LYS A 55 31.82 -32.88 -14.74
N GLU A 56 31.92 -32.72 -16.06
CA GLU A 56 33.21 -32.62 -16.74
C GLU A 56 33.72 -31.18 -16.69
N ILE A 57 32.99 -30.31 -16.01
CA ILE A 57 33.42 -28.92 -15.87
C ILE A 57 34.76 -28.85 -15.13
N GLY A 58 35.03 -29.86 -14.30
CA GLY A 58 36.31 -29.95 -13.62
C GLY A 58 37.47 -30.21 -14.58
N ASP A 59 37.16 -30.65 -15.81
CA ASP A 59 38.18 -30.99 -16.80
C ASP A 59 39.01 -29.80 -17.30
N PHE A 60 38.58 -28.58 -16.99
CA PHE A 60 39.44 -27.43 -17.23
C PHE A 60 40.02 -27.03 -15.88
N THR A 61 41.28 -27.38 -15.65
CA THR A 61 41.85 -27.24 -14.32
C THR A 61 42.46 -25.85 -14.16
N GLU A 62 42.41 -25.08 -15.25
CA GLU A 62 43.02 -23.76 -15.32
C GLU A 62 42.07 -22.56 -15.10
N LEU A 63 40.81 -22.83 -14.78
CA LEU A 63 39.80 -21.79 -14.73
C LEU A 63 39.90 -20.89 -13.50
N GLU A 64 40.08 -19.59 -13.70
CA GLU A 64 39.93 -18.62 -12.62
C GLU A 64 38.52 -18.04 -12.56
N LEU A 65 37.76 -18.21 -13.62
CA LEU A 65 36.43 -17.62 -13.71
C LEU A 65 35.45 -18.55 -14.38
N LEU A 66 34.34 -18.83 -13.71
CA LEU A 66 33.24 -19.56 -14.33
C LEU A 66 31.98 -18.74 -14.21
N ASP A 67 31.47 -18.26 -15.33
CA ASP A 67 30.20 -17.53 -15.32
C ASP A 67 29.17 -18.29 -16.11
N LEU A 68 28.26 -18.96 -15.41
CA LEU A 68 27.15 -19.66 -16.04
C LEU A 68 25.82 -18.92 -15.95
N SER A 69 25.87 -17.69 -15.43
CA SER A 69 24.67 -16.97 -15.00
C SER A 69 23.59 -16.75 -16.06
N ASP A 70 22.35 -16.65 -15.60
CA ASP A 70 21.20 -16.35 -16.47
C ASP A 70 20.97 -17.38 -17.57
N ASN A 71 20.64 -18.61 -17.16
CA ASN A 71 20.27 -19.69 -18.06
C ASN A 71 19.10 -20.38 -17.41
N SER A 72 18.71 -21.52 -17.95
CA SER A 72 17.76 -22.38 -17.27
C SER A 72 18.36 -23.55 -16.52
N LEU A 73 19.70 -23.63 -16.48
CA LEU A 73 20.40 -24.83 -16.01
C LEU A 73 19.89 -25.41 -14.68
N SER A 74 19.83 -26.74 -14.60
CA SER A 74 19.12 -27.44 -13.52
C SER A 74 19.98 -28.45 -12.75
N GLY A 75 19.34 -29.22 -11.89
CA GLY A 75 20.02 -30.25 -11.12
C GLY A 75 20.94 -29.69 -10.04
N ASP A 76 21.72 -30.56 -9.42
CA ASP A 76 22.65 -30.14 -8.37
C ASP A 76 23.87 -29.40 -8.95
N ILE A 77 24.72 -28.92 -8.04
CA ILE A 77 25.99 -28.31 -8.43
C ILE A 77 27.10 -29.35 -8.30
N PRO A 78 27.62 -29.83 -9.44
CA PRO A 78 28.57 -30.94 -9.44
C PRO A 78 29.71 -30.62 -8.50
N VAL A 79 29.99 -31.52 -7.55
CA VAL A 79 30.87 -31.22 -6.43
C VAL A 79 32.29 -30.94 -6.91
N GLU A 80 32.60 -31.50 -8.09
CA GLU A 80 33.91 -31.39 -8.69
C GLU A 80 34.16 -30.00 -9.29
N ILE A 81 33.08 -29.19 -9.38
CA ILE A 81 33.20 -27.78 -9.72
C ILE A 81 34.00 -27.09 -8.61
N PHE A 82 34.02 -27.74 -7.44
CA PHE A 82 34.77 -27.25 -6.29
C PHE A 82 36.16 -27.87 -6.21
N ARG A 83 36.53 -28.60 -7.26
CA ARG A 83 37.91 -29.09 -7.36
C ARG A 83 38.82 -28.12 -8.09
N LEU A 84 38.30 -26.94 -8.45
CA LEU A 84 39.12 -25.96 -9.16
C LEU A 84 39.59 -24.87 -8.22
N LYS A 85 40.87 -24.92 -7.83
CA LYS A 85 41.37 -24.06 -6.76
C LYS A 85 42.00 -22.78 -7.30
N LYS A 86 41.94 -22.61 -8.62
CA LYS A 86 42.34 -21.32 -9.18
C LYS A 86 41.15 -20.41 -9.46
N LEU A 87 39.96 -20.87 -9.09
CA LEU A 87 38.74 -20.15 -9.42
C LEU A 87 38.59 -18.96 -8.46
N LYS A 88 38.61 -17.75 -9.02
CA LYS A 88 38.38 -16.53 -8.25
C LYS A 88 36.94 -16.07 -8.34
N THR A 89 36.20 -16.63 -9.29
CA THR A 89 34.84 -16.16 -9.51
C THR A 89 33.92 -17.29 -9.90
N LEU A 90 32.78 -17.35 -9.23
CA LEU A 90 31.76 -18.33 -9.55
C LEU A 90 30.43 -17.62 -9.63
N SER A 91 29.83 -17.61 -10.81
CA SER A 91 28.47 -17.08 -10.94
C SER A 91 27.57 -18.18 -11.49
N LEU A 92 26.77 -18.76 -10.61
CA LEU A 92 25.76 -19.76 -10.97
C LEU A 92 24.34 -19.18 -10.98
N ASN A 93 24.26 -17.87 -10.75
CA ASN A 93 23.00 -17.18 -10.45
C ASN A 93 22.00 -17.10 -11.60
N THR A 94 20.74 -16.87 -11.24
CA THR A 94 19.65 -16.72 -12.21
C THR A 94 19.53 -18.01 -13.00
N ASN A 95 19.51 -19.13 -12.29
CA ASN A 95 19.32 -20.44 -12.88
C ASN A 95 18.37 -21.24 -12.00
N ASN A 96 18.15 -22.51 -12.35
CA ASN A 96 17.31 -23.37 -11.55
C ASN A 96 18.01 -24.35 -10.60
N LEU A 97 19.34 -24.23 -10.52
CA LEU A 97 20.13 -25.20 -9.77
C LEU A 97 19.55 -25.46 -8.40
N GLU A 98 19.42 -26.75 -8.06
CA GLU A 98 18.96 -27.13 -6.74
C GLU A 98 20.07 -27.84 -5.98
N GLY A 99 19.78 -28.25 -4.76
CA GLY A 99 20.75 -28.98 -3.97
C GLY A 99 21.32 -28.16 -2.84
N HIS A 100 22.02 -28.83 -1.94
CA HIS A 100 22.74 -28.15 -0.87
C HIS A 100 23.96 -27.43 -1.43
N ILE A 101 24.48 -26.47 -0.68
CA ILE A 101 25.77 -25.91 -1.04
C ILE A 101 26.84 -26.83 -0.45
N PRO A 102 27.63 -27.45 -1.33
CA PRO A 102 28.62 -28.44 -0.91
C PRO A 102 29.62 -27.88 0.08
N MET A 103 29.98 -28.69 1.07
CA MET A 103 30.97 -28.31 2.07
C MET A 103 32.33 -28.05 1.40
N GLU A 104 32.62 -28.81 0.37
CA GLU A 104 33.91 -28.73 -0.31
C GLU A 104 34.17 -27.37 -0.93
N ILE A 105 33.15 -26.51 -0.93
CA ILE A 105 33.34 -25.14 -1.38
C ILE A 105 34.42 -24.42 -0.55
N GLY A 106 34.60 -24.85 0.70
CA GLY A 106 35.62 -24.27 1.54
C GLY A 106 37.02 -24.54 1.01
N ASN A 107 37.14 -25.52 0.11
CA ASN A 107 38.44 -25.89 -0.46
C ASN A 107 38.94 -24.93 -1.55
N LEU A 108 38.12 -23.95 -1.93
CA LEU A 108 38.58 -22.99 -2.91
C LEU A 108 39.19 -21.78 -2.20
N SER A 109 40.52 -21.77 -2.16
CA SER A 109 41.24 -20.78 -1.38
C SER A 109 41.12 -19.42 -2.05
N GLY A 110 40.93 -19.43 -3.36
CA GLY A 110 41.04 -18.21 -4.14
C GLY A 110 39.73 -17.59 -4.58
N LEU A 111 38.61 -18.11 -4.11
CA LEU A 111 37.31 -17.57 -4.53
C LEU A 111 37.11 -16.15 -3.98
N VAL A 112 36.83 -15.22 -4.88
CA VAL A 112 36.69 -13.80 -4.56
C VAL A 112 35.23 -13.37 -4.57
N GLU A 113 34.57 -13.57 -5.70
CA GLU A 113 33.15 -13.27 -5.81
C GLU A 113 32.32 -14.55 -6.05
N LEU A 114 31.35 -14.80 -5.18
CA LEU A 114 30.47 -15.97 -5.31
C LEU A 114 29.01 -15.60 -5.47
N MET A 115 28.43 -15.84 -6.65
CA MET A 115 27.02 -15.48 -6.88
C MET A 115 26.13 -16.70 -7.14
N LEU A 116 25.34 -17.08 -6.14
CA LEU A 116 24.40 -18.21 -6.25
C LEU A 116 22.92 -17.82 -6.40
N PHE A 117 22.67 -16.50 -6.39
CA PHE A 117 21.32 -15.99 -6.16
C PHE A 117 20.30 -16.27 -7.27
N ASP A 118 19.02 -16.14 -6.93
CA ASP A 118 17.90 -16.47 -7.82
C ASP A 118 18.04 -17.88 -8.40
N ASN A 119 17.96 -18.88 -7.54
CA ASN A 119 17.97 -20.27 -7.94
C ASN A 119 16.88 -21.00 -7.21
N LYS A 120 16.85 -22.32 -7.39
CA LYS A 120 15.99 -23.22 -6.64
C LYS A 120 16.69 -23.89 -5.44
N LEU A 121 17.89 -23.43 -5.09
CA LEU A 121 18.74 -24.10 -4.10
C LEU A 121 18.07 -24.26 -2.74
N SER A 122 18.55 -25.23 -1.97
CA SER A 122 18.05 -25.53 -0.63
C SER A 122 19.19 -25.99 0.27
N GLY A 123 18.84 -26.43 1.47
CA GLY A 123 19.82 -26.91 2.43
C GLY A 123 20.31 -25.82 3.34
N GLU A 124 21.35 -26.10 4.12
CA GLU A 124 21.97 -25.05 4.93
C GLU A 124 23.16 -24.43 4.21
N ILE A 125 23.72 -23.40 4.83
CA ILE A 125 24.98 -22.85 4.38
C ILE A 125 26.06 -23.63 5.09
N PRO A 126 26.97 -24.23 4.34
CA PRO A 126 28.05 -25.03 4.91
C PRO A 126 28.85 -24.20 5.88
N ARG A 127 29.41 -24.81 6.91
CA ARG A 127 30.23 -24.08 7.88
C ARG A 127 31.59 -23.75 7.29
N SER A 128 31.85 -24.27 6.07
CA SER A 128 33.13 -24.11 5.37
C SER A 128 33.40 -22.76 4.70
N ILE A 129 32.38 -21.90 4.58
CA ILE A 129 32.58 -20.59 3.99
C ILE A 129 33.66 -19.81 4.73
N GLY A 130 33.94 -20.19 5.97
CA GLY A 130 34.96 -19.54 6.76
C GLY A 130 36.38 -19.86 6.33
N GLU A 131 36.52 -20.92 5.53
CA GLU A 131 37.81 -21.29 4.96
C GLU A 131 38.17 -20.37 3.79
N LEU A 132 37.21 -19.60 3.28
CA LEU A 132 37.47 -18.74 2.15
C LEU A 132 37.90 -17.40 2.70
N LYS A 133 39.20 -17.12 2.64
CA LYS A 133 39.72 -15.96 3.34
C LYS A 133 39.73 -14.73 2.49
N ASN A 134 39.67 -14.93 1.18
CA ASN A 134 39.65 -13.83 0.21
C ASN A 134 38.27 -13.51 -0.36
N LEU A 135 37.24 -14.21 0.14
CA LEU A 135 35.86 -13.97 -0.32
C LEU A 135 35.42 -12.57 0.02
N GLN A 136 34.73 -11.95 -0.94
CA GLN A 136 34.39 -10.53 -0.89
C GLN A 136 32.89 -10.33 -1.03
N VAL A 137 32.35 -10.86 -2.12
CA VAL A 137 30.91 -10.85 -2.33
C VAL A 137 30.34 -12.26 -2.25
N LEU A 138 29.43 -12.45 -1.30
CA LEU A 138 28.64 -13.66 -1.26
C LEU A 138 27.20 -13.23 -1.42
N ARG A 139 26.59 -13.57 -2.53
CA ARG A 139 25.17 -13.33 -2.69
C ARG A 139 24.45 -14.59 -3.14
N ALA A 140 23.74 -15.20 -2.17
CA ALA A 140 22.92 -16.41 -2.35
C ALA A 140 21.40 -16.25 -2.29
N GLY A 141 20.91 -15.03 -2.10
CA GLY A 141 19.49 -14.82 -1.84
C GLY A 141 18.59 -15.22 -2.99
N GLY A 142 17.28 -15.10 -2.81
CA GLY A 142 16.36 -15.53 -3.84
C GLY A 142 16.40 -17.03 -4.03
N ASN A 143 16.71 -17.75 -2.96
CA ASN A 143 16.50 -19.18 -2.86
C ASN A 143 15.57 -19.39 -1.68
N LYS A 144 14.33 -19.77 -1.95
CA LYS A 144 13.33 -19.81 -0.89
C LYS A 144 13.58 -20.89 0.15
N ASN A 145 14.27 -21.97 -0.23
CA ASN A 145 14.51 -23.05 0.73
C ASN A 145 15.87 -23.13 1.38
N LEU A 146 16.75 -22.20 1.02
CA LEU A 146 18.04 -22.08 1.68
C LEU A 146 17.75 -21.65 3.11
N ARG A 147 18.24 -22.43 4.07
CA ARG A 147 17.78 -22.30 5.45
C ARG A 147 18.87 -22.57 6.48
N GLY A 148 18.42 -22.63 7.74
CA GLY A 148 19.31 -22.84 8.86
C GLY A 148 19.84 -21.54 9.42
N GLU A 149 20.54 -21.63 10.54
CA GLU A 149 21.23 -20.47 11.09
C GLU A 149 22.36 -20.02 10.14
N LEU A 150 22.72 -18.75 10.20
CA LEU A 150 23.89 -18.30 9.47
C LEU A 150 25.09 -18.82 10.25
N PRO A 151 25.97 -19.61 9.59
CA PRO A 151 27.08 -20.25 10.30
C PRO A 151 27.96 -19.25 11.04
N TRP A 152 28.55 -19.70 12.14
CA TRP A 152 29.37 -18.85 12.98
C TRP A 152 30.62 -18.47 12.18
N GLU A 153 31.13 -19.46 11.47
CA GLU A 153 32.38 -19.38 10.74
C GLU A 153 32.38 -18.28 9.68
N ILE A 154 31.20 -17.73 9.37
CA ILE A 154 31.11 -16.60 8.46
C ILE A 154 31.97 -15.41 8.91
N GLY A 155 32.23 -15.33 10.21
CA GLY A 155 33.05 -14.23 10.72
C GLY A 155 34.50 -14.37 10.29
N ASN A 156 34.84 -15.52 9.75
CA ASN A 156 36.20 -15.76 9.30
C ASN A 156 36.46 -15.28 7.88
N CYS A 157 35.44 -14.79 7.18
CA CYS A 157 35.72 -14.28 5.84
C CYS A 157 36.09 -12.83 6.06
N GLU A 158 37.38 -12.57 6.04
CA GLU A 158 37.88 -11.34 6.61
C GLU A 158 37.70 -10.19 5.63
N ASN A 159 37.70 -10.52 4.34
CA ASN A 159 37.63 -9.51 3.30
C ASN A 159 36.22 -9.23 2.79
N LEU A 160 35.24 -9.81 3.46
CA LEU A 160 33.85 -9.64 3.08
C LEU A 160 33.45 -8.17 2.99
N VAL A 161 32.64 -7.92 1.98
CA VAL A 161 32.21 -6.59 1.56
C VAL A 161 30.68 -6.59 1.40
N MET A 162 30.18 -7.59 0.68
CA MET A 162 28.75 -7.78 0.47
C MET A 162 28.23 -9.17 0.92
N LEU A 163 27.31 -9.15 1.87
CA LEU A 163 26.64 -10.38 2.26
C LEU A 163 25.16 -10.20 2.00
N GLY A 164 24.60 -10.97 1.07
CA GLY A 164 23.18 -11.03 1.17
C GLY A 164 22.46 -12.28 0.74
N LEU A 165 21.61 -12.61 1.69
CA LEU A 165 20.76 -13.78 1.79
C LEU A 165 19.29 -13.42 1.65
N ALA A 166 18.99 -12.23 1.14
CA ALA A 166 17.62 -11.75 1.10
C ALA A 166 16.66 -12.75 0.44
N GLU A 167 15.42 -12.76 0.93
CA GLU A 167 14.39 -13.64 0.40
C GLU A 167 14.74 -15.13 0.48
N THR A 168 15.37 -15.54 1.59
CA THR A 168 15.59 -16.96 1.85
C THR A 168 14.86 -17.39 3.12
N SER A 169 15.00 -18.65 3.47
CA SER A 169 14.37 -19.20 4.67
C SER A 169 15.31 -19.19 5.85
N LEU A 170 16.46 -18.55 5.65
CA LEU A 170 17.51 -18.45 6.65
C LEU A 170 16.88 -17.99 7.94
N SER A 171 17.33 -18.56 9.06
CA SER A 171 16.65 -18.30 10.33
C SER A 171 17.64 -18.24 11.47
N GLY A 172 17.10 -18.03 12.66
CA GLY A 172 17.90 -17.95 13.86
C GLY A 172 18.33 -16.52 14.16
N LYS A 173 19.41 -16.38 14.92
CA LYS A 173 20.02 -15.09 15.16
C LYS A 173 21.30 -14.90 14.30
N LEU A 174 21.54 -13.68 13.86
CA LEU A 174 22.83 -13.33 13.29
C LEU A 174 23.84 -13.59 14.40
N PRO A 175 24.91 -14.31 14.09
CA PRO A 175 25.88 -14.67 15.14
C PRO A 175 26.70 -13.47 15.54
N ALA A 176 27.28 -13.51 16.74
CA ALA A 176 28.14 -12.41 17.20
C ALA A 176 29.41 -12.35 16.34
N SER A 177 29.60 -13.40 15.55
CA SER A 177 30.70 -13.54 14.60
C SER A 177 30.82 -12.31 13.69
N ILE A 178 29.71 -11.63 13.47
CA ILE A 178 29.66 -10.49 12.55
C ILE A 178 30.51 -9.32 13.07
N GLY A 179 30.87 -9.39 14.34
CA GLY A 179 31.82 -8.44 14.90
C GLY A 179 33.13 -8.43 14.15
N ASN A 180 33.47 -9.56 13.51
CA ASN A 180 34.77 -9.72 12.85
C ASN A 180 34.92 -9.18 11.41
N LEU A 181 33.82 -8.89 10.71
CA LEU A 181 33.98 -8.45 9.33
C LEU A 181 34.13 -6.96 9.40
N LYS A 182 35.36 -6.48 9.22
CA LYS A 182 35.70 -5.07 9.43
C LYS A 182 35.68 -4.29 8.12
N ARG A 183 35.58 -5.00 7.01
CA ARG A 183 35.41 -4.39 5.70
C ARG A 183 33.99 -4.47 5.13
N VAL A 184 33.04 -5.10 5.83
CA VAL A 184 31.73 -5.38 5.24
C VAL A 184 30.91 -4.11 5.07
N GLN A 185 30.54 -3.82 3.83
CA GLN A 185 29.72 -2.66 3.49
C GLN A 185 28.20 -2.80 3.49
N THR A 186 27.72 -3.94 3.01
CA THR A 186 26.29 -4.16 2.88
C THR A 186 25.91 -5.53 3.42
N ILE A 187 25.00 -5.52 4.38
CA ILE A 187 24.41 -6.76 4.80
C ILE A 187 22.97 -6.74 4.38
N ALA A 188 22.60 -7.59 3.43
CA ALA A 188 21.21 -7.70 3.07
C ALA A 188 20.64 -9.06 3.46
N ILE A 189 19.87 -9.10 4.53
CA ILE A 189 19.06 -10.28 4.77
C ILE A 189 17.69 -9.76 5.05
N TYR A 190 16.81 -9.84 4.06
CA TYR A 190 15.51 -9.20 4.16
C TYR A 190 14.45 -10.08 3.55
N THR A 191 13.27 -10.08 4.19
CA THR A 191 12.22 -11.03 3.89
C THR A 191 12.80 -12.43 4.07
N SER A 192 13.18 -12.73 5.31
CA SER A 192 13.68 -14.06 5.69
C SER A 192 13.00 -14.59 6.96
N LEU A 193 13.54 -15.66 7.54
CA LEU A 193 13.05 -16.20 8.82
C LEU A 193 13.85 -15.80 10.08
N LEU A 194 14.74 -14.83 9.94
CA LEU A 194 15.57 -14.36 11.07
C LEU A 194 14.76 -14.04 12.33
N SER A 195 15.28 -14.41 13.49
CA SER A 195 14.69 -14.04 14.78
C SER A 195 15.77 -13.71 15.81
N GLY A 196 15.37 -13.31 17.00
CA GLY A 196 16.34 -12.93 18.00
C GLY A 196 16.76 -11.48 17.85
N PRO A 197 17.58 -10.99 18.77
CA PRO A 197 18.07 -9.61 18.68
C PRO A 197 19.22 -9.45 17.68
N ILE A 198 19.33 -8.26 17.09
CA ILE A 198 20.51 -7.89 16.34
C ILE A 198 21.66 -7.98 17.33
N PRO A 199 22.74 -8.68 16.98
CA PRO A 199 23.84 -8.75 17.95
C PRO A 199 24.55 -7.40 18.08
N ASP A 200 24.87 -7.04 19.32
CA ASP A 200 25.55 -5.80 19.63
C ASP A 200 26.85 -5.66 18.86
N GLU A 201 27.48 -6.79 18.62
CA GLU A 201 28.80 -6.85 18.03
C GLU A 201 28.81 -6.34 16.59
N ILE A 202 27.63 -6.07 16.03
CA ILE A 202 27.53 -5.48 14.69
C ILE A 202 28.06 -4.05 14.70
N GLY A 203 28.24 -3.49 15.89
CA GLY A 203 28.84 -2.17 16.01
C GLY A 203 30.33 -2.24 15.73
N TYR A 204 30.83 -3.46 15.61
CA TYR A 204 32.25 -3.70 15.36
C TYR A 204 32.58 -3.76 13.87
N CYS A 205 31.59 -3.66 13.00
CA CYS A 205 31.88 -3.57 11.57
C CYS A 205 31.98 -2.10 11.18
N THR A 206 33.20 -1.59 10.97
CA THR A 206 33.41 -0.14 10.88
C THR A 206 32.95 0.38 9.54
N GLU A 207 33.15 -0.46 8.53
CA GLU A 207 32.86 -0.13 7.14
C GLU A 207 31.40 -0.31 6.72
N LEU A 208 30.54 -0.79 7.62
CA LEU A 208 29.15 -1.07 7.29
C LEU A 208 28.37 0.18 6.83
N GLN A 209 27.74 0.07 5.67
CA GLN A 209 27.04 1.17 5.01
C GLN A 209 25.52 0.98 5.06
N ASN A 210 25.05 -0.16 4.55
CA ASN A 210 23.63 -0.47 4.47
C ASN A 210 23.23 -1.70 5.29
N LEU A 211 22.26 -1.56 6.18
CA LEU A 211 21.78 -2.77 6.87
C LEU A 211 20.32 -3.10 6.51
N TYR A 212 20.10 -4.17 5.76
CA TYR A 212 18.72 -4.52 5.41
C TYR A 212 18.31 -5.83 6.07
N LEU A 213 17.61 -5.70 7.19
CA LEU A 213 17.02 -6.80 7.95
C LEU A 213 15.49 -6.85 7.91
N TYR A 214 14.89 -5.98 7.11
CA TYR A 214 13.43 -5.79 7.11
C TYR A 214 12.66 -7.06 6.78
N GLN A 215 11.43 -7.14 7.30
CA GLN A 215 10.53 -8.31 7.13
C GLN A 215 11.07 -9.63 7.65
N ASN A 216 11.42 -9.63 8.91
CA ASN A 216 11.72 -10.84 9.66
C ASN A 216 10.93 -10.72 10.95
N SER A 217 11.18 -11.59 11.92
CA SER A 217 10.71 -11.30 13.26
C SER A 217 11.95 -11.13 14.10
N ILE A 218 12.33 -9.89 14.36
CA ILE A 218 13.60 -9.66 15.04
C ILE A 218 13.19 -9.03 16.35
N SER A 219 13.78 -9.52 17.43
CA SER A 219 13.27 -9.20 18.75
C SER A 219 14.31 -8.37 19.46
N GLY A 220 14.09 -8.10 20.74
CA GLY A 220 15.00 -7.25 21.46
C GLY A 220 14.87 -5.86 20.90
N SER A 221 15.89 -5.03 21.12
CA SER A 221 15.88 -3.63 20.73
C SER A 221 17.06 -3.30 19.81
N ILE A 222 16.98 -2.16 19.13
CA ILE A 222 18.07 -1.72 18.24
C ILE A 222 19.31 -1.39 19.05
N PRO A 223 20.40 -2.13 18.84
CA PRO A 223 21.60 -1.90 19.65
C PRO A 223 22.15 -0.49 19.52
N THR A 224 22.48 0.10 20.67
CA THR A 224 23.08 1.43 20.74
C THR A 224 24.36 1.55 19.90
N THR A 225 25.11 0.45 19.83
CA THR A 225 26.40 0.42 19.16
C THR A 225 26.35 0.71 17.67
N ILE A 226 25.15 0.67 17.09
CA ILE A 226 24.99 1.07 15.69
C ILE A 226 25.35 2.56 15.49
N GLY A 227 25.29 3.34 16.56
CA GLY A 227 25.72 4.72 16.51
C GLY A 227 27.22 4.92 16.26
N GLY A 228 28.02 3.88 16.48
CA GLY A 228 29.45 4.06 16.33
C GLY A 228 29.86 3.75 14.90
N LEU A 229 28.86 3.48 14.07
CA LEU A 229 29.14 3.15 12.69
C LEU A 229 29.18 4.47 11.92
N LYS A 230 30.39 4.89 11.61
CA LYS A 230 30.62 6.26 11.17
C LYS A 230 30.24 6.41 9.70
N LYS A 231 30.32 5.31 8.96
CA LYS A 231 30.02 5.28 7.53
C LYS A 231 28.58 4.85 7.20
N LEU A 232 27.75 4.67 8.24
CA LEU A 232 26.37 4.15 8.04
C LEU A 232 25.47 5.11 7.25
N GLN A 233 24.68 4.53 6.35
CA GLN A 233 23.92 5.29 5.37
C GLN A 233 22.44 4.93 5.35
N SER A 234 22.16 3.66 5.11
CA SER A 234 20.78 3.17 5.11
C SER A 234 20.46 2.14 6.22
N LEU A 235 19.41 2.39 6.97
CA LEU A 235 18.96 1.40 7.94
C LEU A 235 17.50 0.97 7.67
N LEU A 236 17.29 -0.25 7.17
CA LEU A 236 15.93 -0.73 6.96
C LEU A 236 15.60 -1.90 7.91
N LEU A 237 14.87 -1.58 8.97
CA LEU A 237 14.46 -2.55 9.98
C LEU A 237 12.97 -2.91 9.97
N TRP A 238 12.25 -2.44 8.96
CA TRP A 238 10.79 -2.47 9.05
C TRP A 238 10.14 -3.86 9.07
N GLN A 239 8.99 -3.95 9.73
CA GLN A 239 8.28 -5.21 9.98
C GLN A 239 9.14 -6.22 10.69
N ASN A 240 9.38 -5.96 11.96
CA ASN A 240 10.00 -6.93 12.84
C ASN A 240 9.37 -6.73 14.21
N ASN A 241 9.92 -7.36 15.23
CA ASN A 241 9.37 -7.27 16.58
C ASN A 241 10.06 -6.23 17.44
N LEU A 242 10.94 -5.43 16.85
CA LEU A 242 11.86 -4.59 17.60
C LEU A 242 11.19 -3.78 18.69
N VAL A 243 11.76 -3.87 19.88
CA VAL A 243 11.18 -3.26 21.06
C VAL A 243 12.07 -2.09 21.58
N GLY A 244 11.66 -1.37 22.62
CA GLY A 244 12.55 -0.37 23.20
C GLY A 244 12.64 1.00 22.52
N LYS A 245 13.55 1.81 23.03
CA LYS A 245 13.77 3.16 22.53
C LYS A 245 14.74 3.21 21.35
N ILE A 246 14.48 4.10 20.39
CA ILE A 246 15.40 4.45 19.31
C ILE A 246 16.66 5.06 19.92
N PRO A 247 17.84 4.50 19.57
CA PRO A 247 19.10 5.01 20.14
C PRO A 247 19.44 6.42 19.67
N THR A 248 19.76 7.30 20.61
CA THR A 248 20.10 8.67 20.29
C THR A 248 21.43 8.77 19.55
N GLU A 249 22.23 7.72 19.67
CA GLU A 249 23.54 7.71 19.05
C GLU A 249 23.46 7.64 17.53
N LEU A 250 22.27 7.35 16.98
CA LEU A 250 22.12 7.38 15.53
C LEU A 250 22.35 8.79 14.97
N GLY A 251 22.32 9.81 15.84
CA GLY A 251 22.61 11.16 15.42
C GLY A 251 24.07 11.37 15.04
N ASN A 252 24.92 10.42 15.44
CA ASN A 252 26.37 10.46 15.21
C ASN A 252 26.79 9.82 13.88
N CYS A 253 25.80 9.54 13.03
CA CYS A 253 26.04 8.87 11.76
C CYS A 253 25.75 9.82 10.58
N PRO A 254 26.75 10.65 10.23
CA PRO A 254 26.65 11.81 9.35
C PRO A 254 26.14 11.48 7.95
N GLU A 255 26.51 10.33 7.43
CA GLU A 255 26.16 9.97 6.06
C GLU A 255 24.81 9.31 5.94
N LEU A 256 24.04 9.24 7.02
CA LEU A 256 22.85 8.39 7.05
C LEU A 256 21.67 9.19 6.52
N TRP A 257 21.28 8.85 5.31
CA TRP A 257 20.18 9.53 4.63
C TRP A 257 18.85 8.78 4.72
N LEU A 258 18.88 7.51 5.10
CA LEU A 258 17.64 6.72 5.14
C LEU A 258 17.47 5.87 6.41
N ILE A 259 16.33 6.07 7.08
CA ILE A 259 16.00 5.31 8.29
C ILE A 259 14.57 4.77 8.21
N ASP A 260 14.40 3.44 8.17
CA ASP A 260 13.07 2.85 8.27
C ASP A 260 12.93 1.86 9.42
N PHE A 261 12.23 2.32 10.46
CA PHE A 261 11.81 1.50 11.60
C PHE A 261 10.32 1.12 11.56
N SER A 262 9.66 1.43 10.45
CA SER A 262 8.22 1.25 10.37
C SER A 262 7.75 -0.16 10.77
N GLU A 263 6.59 -0.25 11.42
CA GLU A 263 5.98 -1.51 11.88
C GLU A 263 6.82 -2.35 12.80
N ASN A 264 7.04 -1.83 14.00
CA ASN A 264 7.68 -2.53 15.08
C ASN A 264 6.93 -2.16 16.37
N LEU A 265 7.54 -2.49 17.50
CA LEU A 265 6.99 -2.17 18.80
C LEU A 265 7.63 -0.98 19.55
N LEU A 266 8.47 -0.21 18.89
CA LEU A 266 9.32 0.76 19.59
C LEU A 266 8.54 1.69 20.52
N THR A 267 9.20 2.12 21.60
CA THR A 267 8.70 3.13 22.53
C THR A 267 9.77 4.20 22.74
N GLY A 268 9.41 5.30 23.38
CA GLY A 268 10.36 6.37 23.57
C GLY A 268 10.08 7.55 22.66
N THR A 269 11.04 8.45 22.62
CA THR A 269 10.92 9.73 21.94
C THR A 269 11.71 9.67 20.64
N ILE A 270 11.25 10.38 19.61
CA ILE A 270 12.09 10.64 18.45
C ILE A 270 13.26 11.49 18.95
N PRO A 271 14.48 10.94 18.88
CA PRO A 271 15.70 11.59 19.41
C PRO A 271 15.97 13.00 18.88
N ARG A 272 16.35 13.90 19.77
CA ARG A 272 16.73 15.26 19.39
C ARG A 272 18.06 15.27 18.66
N SER A 273 18.85 14.21 18.82
CA SER A 273 20.12 14.12 18.11
C SER A 273 19.95 14.02 16.59
N PHE A 274 18.75 13.64 16.15
CA PHE A 274 18.43 13.53 14.73
C PHE A 274 18.67 14.86 13.99
N GLY A 275 18.63 15.96 14.73
CA GLY A 275 18.88 17.26 14.14
C GLY A 275 20.27 17.31 13.53
N LYS A 276 21.21 16.61 14.17
CA LYS A 276 22.57 16.56 13.71
C LYS A 276 22.71 15.84 12.36
N LEU A 277 21.63 15.23 11.86
CA LEU A 277 21.79 14.40 10.68
C LEU A 277 21.52 15.22 9.44
N GLU A 278 22.61 15.61 8.77
CA GLU A 278 22.57 16.64 7.74
C GLU A 278 22.05 16.07 6.44
N ASN A 279 22.29 14.78 6.23
CA ASN A 279 21.91 14.10 4.99
C ASN A 279 20.59 13.32 4.98
N LEU A 280 19.80 13.36 6.05
CA LEU A 280 18.61 12.52 6.14
C LEU A 280 17.58 12.99 5.10
N GLN A 281 17.28 12.14 4.12
CA GLN A 281 16.21 12.36 3.15
C GLN A 281 14.86 11.79 3.61
N GLU A 282 14.93 10.61 4.21
CA GLU A 282 13.71 9.87 4.52
C GLU A 282 13.72 9.28 5.93
N LEU A 283 12.69 9.61 6.70
CA LEU A 283 12.55 9.08 8.06
C LEU A 283 11.19 8.42 8.23
N GLN A 284 11.21 7.09 8.39
CA GLN A 284 9.99 6.32 8.44
C GLN A 284 9.91 5.57 9.78
N LEU A 285 9.00 6.02 10.64
CA LEU A 285 8.65 5.44 11.94
C LEU A 285 7.24 4.82 12.08
N SER A 286 6.50 4.79 10.99
CA SER A 286 5.09 4.42 11.01
C SER A 286 4.78 3.09 11.72
N VAL A 287 3.68 3.06 12.45
CA VAL A 287 3.25 1.87 13.19
C VAL A 287 4.29 1.42 14.23
N ASN A 288 4.33 2.18 15.31
CA ASN A 288 5.10 1.88 16.49
C ASN A 288 4.35 2.49 17.66
N GLN A 289 4.93 2.38 18.85
CA GLN A 289 4.34 2.96 20.07
C GLN A 289 4.95 4.29 20.51
N ILE A 290 5.80 4.86 19.65
CA ILE A 290 6.57 6.07 19.92
C ILE A 290 5.74 7.23 20.48
N SER A 291 6.26 7.88 21.52
CA SER A 291 5.58 8.99 22.18
C SER A 291 6.44 10.26 22.15
N GLY A 292 5.98 11.29 22.85
CA GLY A 292 6.69 12.56 22.90
C GLY A 292 6.07 13.54 21.92
N THR A 293 6.56 14.78 21.97
CA THR A 293 6.32 15.78 20.92
C THR A 293 7.31 15.60 19.76
N ILE A 294 6.95 16.07 18.57
CA ILE A 294 7.93 16.10 17.47
C ILE A 294 8.99 17.13 17.84
N PRO A 295 10.27 16.70 17.93
CA PRO A 295 11.35 17.58 18.38
C PRO A 295 11.69 18.69 17.36
N GLU A 296 11.85 19.91 17.86
CA GLU A 296 12.14 21.06 16.98
C GLU A 296 13.41 20.84 16.18
N GLU A 297 14.38 20.16 16.77
CA GLU A 297 15.65 19.98 16.09
C GLU A 297 15.57 19.16 14.81
N LEU A 298 14.49 18.39 14.64
CA LEU A 298 14.32 17.60 13.42
C LEU A 298 14.10 18.52 12.21
N THR A 299 13.71 19.75 12.47
CA THR A 299 13.56 20.76 11.42
C THR A 299 14.90 21.29 10.89
N ASN A 300 16.01 20.85 11.49
CA ASN A 300 17.36 21.15 11.01
C ASN A 300 17.80 20.20 9.89
N CYS A 301 16.86 19.37 9.46
CA CYS A 301 17.10 18.20 8.62
C CYS A 301 17.14 18.42 7.11
N THR A 302 17.57 19.60 6.70
CA THR A 302 17.29 20.23 5.41
C THR A 302 17.01 19.33 4.21
N LYS A 303 17.69 18.20 4.08
CA LYS A 303 17.52 17.37 2.90
C LYS A 303 16.33 16.40 2.94
N LEU A 304 15.54 16.45 4.01
CA LEU A 304 14.39 15.56 4.27
C LEU A 304 13.29 15.68 3.24
N THR A 305 12.95 14.56 2.60
CA THR A 305 11.87 14.49 1.62
C THR A 305 10.65 13.82 2.22
N HIS A 306 10.84 12.59 2.72
CA HIS A 306 9.76 11.85 3.39
C HIS A 306 9.92 11.81 4.90
N LEU A 307 8.94 12.38 5.61
CA LEU A 307 8.79 12.15 7.04
C LEU A 307 7.48 11.38 7.27
N GLU A 308 7.58 10.08 7.61
CA GLU A 308 6.40 9.29 7.97
C GLU A 308 6.46 8.90 9.44
N ILE A 309 5.73 9.63 10.26
CA ILE A 309 5.63 9.38 11.69
C ILE A 309 4.26 8.84 12.13
N ASP A 310 3.42 8.50 11.17
CA ASP A 310 2.03 8.12 11.42
C ASP A 310 1.89 6.84 12.24
N ASN A 311 0.69 6.64 12.81
CA ASN A 311 0.37 5.47 13.63
C ASN A 311 1.31 5.28 14.81
N ASN A 312 1.20 6.21 15.74
CA ASN A 312 2.02 6.25 16.94
C ASN A 312 1.25 6.97 18.06
N LEU A 313 1.96 7.24 19.16
CA LEU A 313 1.46 8.01 20.28
C LEU A 313 1.92 9.49 20.36
N ILE A 314 2.57 10.00 19.32
CA ILE A 314 3.16 11.35 19.36
C ILE A 314 2.13 12.36 19.84
N THR A 315 2.54 13.26 20.73
CA THR A 315 1.66 14.34 21.17
C THR A 315 2.23 15.70 20.84
N GLY A 316 1.49 16.75 21.18
CA GLY A 316 1.99 18.09 21.00
C GLY A 316 1.44 18.79 19.79
N GLU A 317 2.10 19.89 19.41
CA GLU A 317 1.75 20.65 18.22
C GLU A 317 2.76 20.35 17.14
N ILE A 318 2.32 20.45 15.88
CA ILE A 318 3.23 20.36 14.76
C ILE A 318 4.18 21.54 14.88
N PRO A 319 5.49 21.27 14.85
CA PRO A 319 6.49 22.35 14.97
C PRO A 319 6.34 23.36 13.83
N SER A 320 6.33 24.65 14.17
CA SER A 320 6.15 25.71 13.18
C SER A 320 7.39 25.86 12.30
N LEU A 321 8.55 25.47 12.83
CA LEU A 321 9.79 25.57 12.06
C LEU A 321 9.84 24.58 10.90
N MET A 322 8.79 23.77 10.79
CA MET A 322 8.63 22.78 9.72
C MET A 322 8.85 23.41 8.33
N SER A 323 8.69 24.74 8.29
CA SER A 323 9.02 25.54 7.13
C SER A 323 10.49 25.47 6.77
N ASN A 324 11.33 25.07 7.71
CA ASN A 324 12.76 24.95 7.42
C ASN A 324 13.10 23.79 6.50
N LEU A 325 12.14 22.90 6.25
CA LEU A 325 12.44 21.78 5.39
C LEU A 325 11.83 22.09 4.04
N ARG A 326 12.67 22.47 3.08
CA ARG A 326 12.16 22.98 1.82
C ARG A 326 12.06 21.89 0.78
N SER A 327 12.66 20.75 1.08
CA SER A 327 12.62 19.62 0.16
C SER A 327 11.57 18.56 0.51
N LEU A 328 10.83 18.77 1.61
CA LEU A 328 9.81 17.84 2.06
C LEU A 328 8.74 17.63 0.99
N THR A 329 8.47 16.37 0.69
CA THR A 329 7.44 15.99 -0.28
C THR A 329 6.25 15.35 0.41
N MET A 330 6.52 14.27 1.12
CA MET A 330 5.50 13.53 1.84
C MET A 330 5.61 13.77 3.36
N PHE A 331 4.51 14.20 3.98
CA PHE A 331 4.44 14.32 5.44
C PHE A 331 3.18 13.59 5.96
N PHE A 332 3.37 12.48 6.67
CA PHE A 332 2.24 11.69 7.24
C PHE A 332 2.40 11.63 8.73
N ALA A 333 1.51 12.31 9.45
CA ALA A 333 1.39 12.19 10.91
C ALA A 333 0.12 11.47 11.46
N TRP A 334 -0.68 10.90 10.57
CA TRP A 334 -1.99 10.34 10.97
C TRP A 334 -1.94 9.26 12.06
N GLN A 335 -3.02 9.18 12.84
CA GLN A 335 -3.11 8.28 13.99
C GLN A 335 -1.98 8.58 14.98
N ASN A 336 -2.11 9.76 15.58
CA ASN A 336 -1.31 10.14 16.74
C ASN A 336 -2.26 10.92 17.63
N LYS A 337 -1.73 11.56 18.66
CA LYS A 337 -2.52 12.53 19.37
C LYS A 337 -1.86 13.89 19.24
N LEU A 338 -2.29 14.70 18.28
CA LEU A 338 -1.62 15.96 17.97
C LEU A 338 -2.60 17.08 18.25
N THR A 339 -2.14 18.14 18.91
CA THR A 339 -3.03 19.22 19.26
C THR A 339 -2.62 20.52 18.56
N GLY A 340 -3.41 21.58 18.77
CA GLY A 340 -3.13 22.89 18.20
C GLY A 340 -3.54 23.07 16.75
N ASN A 341 -3.18 24.22 16.18
CA ASN A 341 -3.42 24.50 14.76
C ASN A 341 -2.44 23.75 13.87
N ILE A 342 -2.91 23.40 12.67
CA ILE A 342 -2.00 23.07 11.61
C ILE A 342 -1.33 24.40 11.34
N PRO A 343 -0.02 24.50 11.61
CA PRO A 343 0.76 25.74 11.46
C PRO A 343 0.74 26.24 10.04
N GLN A 344 0.48 27.54 9.85
CA GLN A 344 0.45 28.15 8.52
C GLN A 344 1.77 27.91 7.77
N SER A 345 2.87 27.98 8.51
CA SER A 345 4.20 27.93 7.95
C SER A 345 4.53 26.60 7.29
N LEU A 346 3.63 25.63 7.40
CA LEU A 346 3.81 24.38 6.67
C LEU A 346 3.71 24.60 5.16
N SER A 347 3.00 25.65 4.75
CA SER A 347 2.88 25.97 3.33
C SER A 347 4.17 26.54 2.69
N GLN A 348 5.19 26.77 3.51
CA GLN A 348 6.46 27.16 2.95
C GLN A 348 7.27 25.96 2.47
N CYS A 349 6.73 24.76 2.61
CA CYS A 349 7.43 23.64 2.00
C CYS A 349 6.77 23.53 0.63
N ARG A 350 7.48 24.01 -0.39
CA ARG A 350 6.84 24.26 -1.66
C ARG A 350 6.78 22.99 -2.47
N GLU A 351 7.53 21.99 -2.04
CA GLU A 351 7.58 20.71 -2.75
C GLU A 351 6.60 19.64 -2.22
N LEU A 352 5.77 19.98 -1.22
CA LEU A 352 4.86 19.01 -0.66
C LEU A 352 3.90 18.46 -1.71
N GLN A 353 3.97 17.15 -1.92
CA GLN A 353 2.98 16.43 -2.73
C GLN A 353 1.80 15.94 -1.90
N ALA A 354 2.08 15.43 -0.71
CA ALA A 354 1.05 14.78 0.11
C ALA A 354 1.11 15.10 1.61
N ILE A 355 -0.02 15.48 2.17
CA ILE A 355 -0.14 15.63 3.62
C ILE A 355 -1.26 14.74 4.15
N ASP A 356 -0.97 13.92 5.16
CA ASP A 356 -2.03 13.25 5.90
C ASP A 356 -1.89 13.51 7.39
N LEU A 357 -2.78 14.34 7.91
CA LEU A 357 -2.86 14.66 9.34
C LEU A 357 -4.04 13.98 10.05
N SER A 358 -4.68 13.05 9.36
CA SER A 358 -5.92 12.40 9.80
C SER A 358 -5.82 11.73 11.16
N TYR A 359 -6.97 11.58 11.83
CA TYR A 359 -7.01 10.86 13.08
C TYR A 359 -6.05 11.51 14.10
N ASN A 360 -6.39 12.72 14.48
CA ASN A 360 -5.65 13.46 15.48
C ASN A 360 -6.59 14.42 16.20
N SER A 361 -6.04 15.25 17.07
CA SER A 361 -6.81 16.26 17.77
C SER A 361 -6.76 17.70 17.23
N LEU A 362 -6.13 17.91 16.07
CA LEU A 362 -5.84 19.28 15.58
C LEU A 362 -7.08 20.17 15.57
N SER A 363 -6.89 21.45 15.89
CA SER A 363 -8.01 22.36 16.02
C SER A 363 -7.89 23.61 15.14
N GLY A 364 -8.81 24.57 15.34
CA GLY A 364 -8.77 25.82 14.60
C GLY A 364 -9.09 25.64 13.14
N SER A 365 -8.85 26.67 12.34
CA SER A 365 -9.11 26.55 10.93
C SER A 365 -7.96 25.86 10.22
N ILE A 366 -8.17 25.61 8.93
CA ILE A 366 -7.17 25.04 8.07
C ILE A 366 -6.61 26.29 7.44
N PRO A 367 -5.31 26.53 7.66
CA PRO A 367 -4.68 27.77 7.17
C PRO A 367 -4.85 27.82 5.66
N LYS A 368 -5.01 29.01 5.10
CA LYS A 368 -5.34 29.11 3.68
C LYS A 368 -4.10 28.88 2.83
N GLU A 369 -2.93 29.11 3.41
CA GLU A 369 -1.69 29.06 2.66
C GLU A 369 -1.39 27.66 2.12
N ILE A 370 -2.01 26.65 2.73
CA ILE A 370 -1.78 25.25 2.34
C ILE A 370 -2.33 24.99 0.94
N PHE A 371 -3.35 25.77 0.57
CA PHE A 371 -3.99 25.63 -0.73
C PHE A 371 -3.22 26.42 -1.78
N GLY A 372 -2.13 27.05 -1.32
CA GLY A 372 -1.23 27.74 -2.20
C GLY A 372 -0.17 26.79 -2.69
N LEU A 373 -0.28 25.53 -2.28
CA LEU A 373 0.70 24.54 -2.66
C LEU A 373 0.39 24.06 -4.07
N ARG A 374 1.36 24.24 -4.95
CA ARG A 374 1.15 24.00 -6.38
C ARG A 374 1.33 22.56 -6.79
N ASN A 375 2.08 21.79 -6.01
CA ASN A 375 2.29 20.37 -6.29
C ASN A 375 1.50 19.34 -5.43
N LEU A 376 0.62 19.83 -4.56
CA LEU A 376 -0.08 18.98 -3.61
C LEU A 376 -1.23 18.25 -4.29
N THR A 377 -1.13 16.93 -4.38
CA THR A 377 -2.22 16.09 -4.87
C THR A 377 -3.08 15.44 -3.79
N LYS A 378 -2.59 15.43 -2.54
CA LYS A 378 -3.32 14.78 -1.46
C LYS A 378 -3.32 15.58 -0.17
N LEU A 379 -4.50 16.02 0.25
CA LEU A 379 -4.65 16.66 1.55
C LEU A 379 -5.68 15.84 2.35
N LEU A 380 -5.21 15.14 3.38
CA LEU A 380 -6.10 14.28 4.16
C LEU A 380 -6.06 14.72 5.61
N LEU A 381 -7.10 15.46 5.99
CA LEU A 381 -7.27 16.02 7.33
C LEU A 381 -8.37 15.33 8.13
N LEU A 382 -8.88 14.21 7.60
CA LEU A 382 -10.07 13.58 8.17
C LEU A 382 -9.94 13.22 9.65
N SER A 383 -11.08 13.29 10.34
CA SER A 383 -11.14 12.94 11.75
C SER A 383 -10.20 13.77 12.63
N ASN A 384 -10.58 15.02 12.84
CA ASN A 384 -9.93 15.87 13.81
C ASN A 384 -11.02 16.73 14.41
N ASP A 385 -10.58 17.74 15.14
CA ASP A 385 -11.42 18.79 15.72
C ASP A 385 -11.49 20.10 14.90
N LEU A 386 -11.14 20.03 13.61
CA LEU A 386 -11.10 21.21 12.75
C LEU A 386 -12.40 22.04 12.64
N SER A 387 -12.27 23.36 12.79
CA SER A 387 -13.40 24.29 12.69
C SER A 387 -13.10 25.38 11.64
N GLY A 388 -14.02 26.33 11.46
CA GLY A 388 -13.87 27.38 10.48
C GLY A 388 -14.50 27.11 9.13
N PHE A 389 -14.33 28.04 8.20
CA PHE A 389 -14.71 27.85 6.79
C PHE A 389 -13.63 27.10 6.03
N ILE A 390 -14.03 26.43 4.96
CA ILE A 390 -13.09 26.00 3.95
C ILE A 390 -12.71 27.25 3.18
N PRO A 391 -11.41 27.56 3.16
CA PRO A 391 -10.94 28.80 2.52
C PRO A 391 -11.35 28.80 1.05
N PRO A 392 -11.62 30.00 0.50
CA PRO A 392 -11.86 30.18 -0.95
C PRO A 392 -10.59 29.91 -1.72
N ASP A 393 -9.45 30.02 -1.06
CA ASP A 393 -8.17 29.80 -1.73
C ASP A 393 -8.03 28.37 -2.21
N ILE A 394 -9.00 27.54 -1.89
CA ILE A 394 -8.98 26.13 -2.28
C ILE A 394 -8.87 25.94 -3.81
N GLY A 395 -9.33 26.92 -4.59
CA GLY A 395 -9.19 26.86 -6.03
C GLY A 395 -7.77 27.13 -6.53
N ASN A 396 -6.97 27.82 -5.73
CA ASN A 396 -5.54 28.01 -5.99
C ASN A 396 -4.74 26.70 -6.03
N CYS A 397 -5.32 25.60 -5.56
CA CYS A 397 -4.56 24.35 -5.40
C CYS A 397 -4.77 23.52 -6.68
N THR A 398 -3.79 23.56 -7.58
CA THR A 398 -4.07 23.21 -8.98
C THR A 398 -4.10 21.72 -9.17
N ASN A 399 -3.23 21.04 -8.43
CA ASN A 399 -3.04 19.60 -8.59
C ASN A 399 -3.76 18.73 -7.59
N LEU A 400 -4.60 19.34 -6.74
CA LEU A 400 -5.34 18.58 -5.74
C LEU A 400 -6.14 17.49 -6.41
N TYR A 401 -5.92 16.26 -5.96
CA TYR A 401 -6.51 15.06 -6.53
C TYR A 401 -7.46 14.42 -5.52
N ARG A 402 -6.88 14.07 -4.37
CA ARG A 402 -7.61 13.43 -3.29
C ARG A 402 -7.77 14.38 -2.11
N LEU A 403 -8.98 14.84 -1.87
CA LEU A 403 -9.23 15.75 -0.78
C LEU A 403 -10.24 15.16 0.23
N ARG A 404 -9.80 14.93 1.47
CA ARG A 404 -10.73 14.44 2.51
C ARG A 404 -10.69 15.29 3.78
N LEU A 405 -11.77 16.02 4.00
CA LEU A 405 -11.89 16.89 5.17
C LEU A 405 -12.84 16.34 6.21
N ASN A 406 -13.34 15.14 5.93
CA ASN A 406 -14.44 14.56 6.67
C ASN A 406 -14.18 14.26 8.16
N GLY A 407 -15.23 14.35 8.96
CA GLY A 407 -15.10 14.14 10.38
C GLY A 407 -14.43 15.28 11.09
N ASN A 408 -14.96 16.48 10.88
CA ASN A 408 -14.48 17.67 11.57
C ASN A 408 -15.70 18.53 11.87
N ARG A 409 -15.48 19.75 12.33
CA ARG A 409 -16.54 20.73 12.51
C ARG A 409 -16.70 21.87 11.49
N LEU A 410 -15.99 21.83 10.36
CA LEU A 410 -15.91 22.97 9.40
C LEU A 410 -17.28 23.57 9.06
N ALA A 411 -17.38 24.90 9.12
CA ALA A 411 -18.70 25.52 8.98
C ALA A 411 -18.90 26.22 7.65
N GLY A 412 -20.06 26.85 7.47
CA GLY A 412 -20.33 27.67 6.29
C GLY A 412 -20.51 26.94 4.99
N SER A 413 -20.71 27.67 3.90
CA SER A 413 -20.91 27.10 2.57
C SER A 413 -19.61 26.58 1.93
N ILE A 414 -19.78 25.71 0.93
CA ILE A 414 -18.67 25.23 0.10
C ILE A 414 -18.35 26.26 -0.98
N PRO A 415 -17.15 26.85 -0.92
CA PRO A 415 -16.75 27.92 -1.84
C PRO A 415 -16.81 27.47 -3.29
N SER A 416 -17.30 28.35 -4.15
CA SER A 416 -17.51 28.07 -5.56
C SER A 416 -16.20 27.95 -6.31
N GLU A 417 -15.09 28.22 -5.65
CA GLU A 417 -13.81 28.13 -6.30
C GLU A 417 -13.39 26.70 -6.51
N ILE A 418 -14.08 25.77 -5.87
CA ILE A 418 -13.63 24.38 -5.88
C ILE A 418 -13.84 23.81 -7.29
N GLY A 419 -14.67 24.49 -8.07
CA GLY A 419 -14.82 24.19 -9.48
C GLY A 419 -13.65 24.65 -10.33
N ASN A 420 -12.71 25.39 -9.73
CA ASN A 420 -11.43 25.71 -10.37
C ASN A 420 -10.56 24.47 -10.51
N LEU A 421 -10.84 23.44 -9.73
CA LEU A 421 -9.90 22.33 -9.64
C LEU A 421 -10.19 21.25 -10.67
N LYS A 422 -9.33 21.18 -11.67
CA LYS A 422 -9.60 20.37 -12.85
C LYS A 422 -9.03 18.97 -12.75
N ASN A 423 -8.19 18.74 -11.75
CA ASN A 423 -7.65 17.41 -11.51
C ASN A 423 -8.33 16.66 -10.36
N LEU A 424 -9.32 17.28 -9.74
CA LEU A 424 -9.80 16.79 -8.47
C LEU A 424 -10.71 15.58 -8.69
N ASN A 425 -10.20 14.42 -8.28
CA ASN A 425 -10.90 13.17 -8.44
C ASN A 425 -11.86 12.86 -7.31
N PHE A 426 -11.39 13.10 -6.09
CA PHE A 426 -12.00 12.55 -4.88
C PHE A 426 -12.14 13.61 -3.80
N VAL A 427 -13.36 13.99 -3.47
CA VAL A 427 -13.54 14.88 -2.33
C VAL A 427 -14.48 14.29 -1.28
N ASP A 428 -14.05 14.27 -0.02
CA ASP A 428 -14.93 13.85 1.06
C ASP A 428 -14.94 14.90 2.15
N ILE A 429 -16.05 15.64 2.17
CA ILE A 429 -16.39 16.63 3.18
C ILE A 429 -17.49 16.16 4.15
N SER A 430 -17.78 14.87 4.16
CA SER A 430 -18.86 14.37 4.99
C SER A 430 -18.60 14.62 6.47
N GLU A 431 -19.66 14.54 7.27
CA GLU A 431 -19.60 14.66 8.73
C GLU A 431 -18.98 15.97 9.19
N ASN A 432 -19.67 17.05 8.88
CA ASN A 432 -19.25 18.41 9.25
C ASN A 432 -20.47 19.29 9.54
N ARG A 433 -20.23 20.58 9.68
CA ARG A 433 -21.28 21.58 9.88
C ARG A 433 -21.72 22.40 8.66
N LEU A 434 -21.27 22.02 7.46
CA LEU A 434 -21.44 22.82 6.24
C LEU A 434 -22.87 23.25 6.02
N VAL A 435 -23.06 24.44 5.44
CA VAL A 435 -24.41 24.94 5.14
C VAL A 435 -24.61 25.42 3.70
N GLY A 436 -25.79 25.98 3.45
CA GLY A 436 -26.14 26.50 2.15
C GLY A 436 -26.30 25.44 1.07
N SER A 437 -26.55 25.90 -0.15
CA SER A 437 -26.69 25.03 -1.30
C SER A 437 -25.34 24.47 -1.76
N ILE A 438 -25.39 23.39 -2.53
CA ILE A 438 -24.19 22.91 -3.19
C ILE A 438 -23.94 23.82 -4.39
N PRO A 439 -22.77 24.50 -4.42
CA PRO A 439 -22.45 25.51 -5.43
C PRO A 439 -22.37 24.98 -6.86
N PRO A 440 -23.14 25.59 -7.80
CA PRO A 440 -23.23 25.09 -9.17
C PRO A 440 -21.88 25.07 -9.86
N ALA A 441 -20.92 25.81 -9.30
CA ALA A 441 -19.59 25.92 -9.87
C ALA A 441 -18.86 24.59 -9.85
N ILE A 442 -19.25 23.70 -8.95
CA ILE A 442 -18.62 22.37 -8.90
C ILE A 442 -18.81 21.61 -10.21
N SER A 443 -19.76 22.06 -11.04
CA SER A 443 -20.00 21.44 -12.34
C SER A 443 -18.77 21.54 -13.22
N GLY A 444 -17.88 22.46 -12.85
CA GLY A 444 -16.62 22.64 -13.56
C GLY A 444 -15.49 21.75 -13.09
N CYS A 445 -15.78 20.73 -12.28
CA CYS A 445 -14.72 19.80 -11.94
C CYS A 445 -14.80 18.69 -12.96
N GLU A 446 -13.88 18.72 -13.92
CA GLU A 446 -13.95 17.83 -15.07
C GLU A 446 -13.67 16.41 -14.65
N SER A 447 -12.83 16.26 -13.63
CA SER A 447 -12.28 14.99 -13.22
C SER A 447 -12.96 14.32 -12.02
N LEU A 448 -14.01 14.93 -11.49
CA LEU A 448 -14.53 14.50 -10.20
C LEU A 448 -15.37 13.23 -10.34
N GLU A 449 -14.87 12.13 -9.77
CA GLU A 449 -15.60 10.86 -9.77
C GLU A 449 -16.27 10.42 -8.47
N PHE A 450 -15.86 10.98 -7.34
CA PHE A 450 -16.29 10.53 -6.02
C PHE A 450 -16.61 11.74 -5.17
N LEU A 451 -17.88 11.88 -4.76
CA LEU A 451 -18.26 13.04 -3.97
C LEU A 451 -19.11 12.63 -2.78
N ASP A 452 -18.57 12.79 -1.58
CA ASP A 452 -19.31 12.44 -0.39
C ASP A 452 -19.51 13.64 0.54
N LEU A 453 -20.74 14.13 0.57
CA LEU A 453 -21.17 15.22 1.43
C LEU A 453 -21.99 14.82 2.65
N HIS A 454 -22.10 13.52 2.93
CA HIS A 454 -23.09 13.06 3.91
C HIS A 454 -22.91 13.60 5.33
N THR A 455 -24.01 13.64 6.08
CA THR A 455 -24.01 14.15 7.45
C THR A 455 -23.47 15.58 7.49
N ASN A 456 -24.27 16.48 6.96
CA ASN A 456 -23.96 17.90 7.02
C ASN A 456 -25.26 18.64 7.17
N SER A 457 -25.17 19.96 7.25
CA SER A 457 -26.35 20.81 7.33
C SER A 457 -26.83 21.35 5.98
N LEU A 458 -26.29 20.83 4.88
CA LEU A 458 -26.63 21.32 3.53
C LEU A 458 -28.13 21.41 3.26
N SER A 459 -28.54 22.45 2.54
CA SER A 459 -29.96 22.64 2.21
C SER A 459 -30.14 23.11 0.78
N GLY A 460 -31.37 23.52 0.46
CA GLY A 460 -31.68 24.02 -0.86
C GLY A 460 -32.10 22.92 -1.80
N SER A 461 -32.10 23.22 -3.09
CA SER A 461 -32.57 22.30 -4.11
C SER A 461 -31.42 21.73 -4.95
N LEU A 462 -31.41 20.42 -5.12
CA LEU A 462 -30.42 19.77 -5.97
C LEU A 462 -30.66 20.18 -7.43
N LEU A 463 -29.67 19.98 -8.30
CA LEU A 463 -29.86 20.23 -9.73
C LEU A 463 -28.98 19.29 -10.55
N GLY A 464 -29.49 18.85 -11.70
CA GLY A 464 -28.71 18.02 -12.58
C GLY A 464 -27.62 18.78 -13.30
N THR A 465 -27.76 20.10 -13.38
CA THR A 465 -26.79 20.95 -14.08
C THR A 465 -25.65 21.37 -13.15
N THR A 466 -25.78 20.98 -11.90
CA THR A 466 -24.81 21.33 -10.86
C THR A 466 -23.74 20.24 -10.75
N LEU A 467 -23.95 19.11 -11.41
CA LEU A 467 -23.06 17.98 -11.23
C LEU A 467 -22.20 17.64 -12.45
N PRO A 468 -20.86 17.57 -12.26
CA PRO A 468 -20.00 17.03 -13.31
C PRO A 468 -20.44 15.64 -13.75
N LYS A 469 -20.48 15.46 -15.07
CA LYS A 469 -21.05 14.27 -15.70
C LYS A 469 -20.20 13.00 -15.50
N SER A 470 -19.02 13.16 -14.93
CA SER A 470 -18.06 12.07 -14.78
C SER A 470 -18.15 11.38 -13.42
N LEU A 471 -19.13 11.77 -12.62
CA LEU A 471 -19.28 11.25 -11.26
C LEU A 471 -19.67 9.78 -11.23
N LYS A 472 -18.82 8.98 -10.57
CA LYS A 472 -19.13 7.59 -10.30
C LYS A 472 -19.94 7.39 -9.00
N PHE A 473 -19.68 8.24 -8.01
CA PHE A 473 -20.15 8.02 -6.64
C PHE A 473 -20.63 9.30 -5.95
N ILE A 474 -21.88 9.32 -5.50
CA ILE A 474 -22.47 10.48 -4.86
C ILE A 474 -23.22 10.12 -3.58
N ASP A 475 -22.76 10.64 -2.43
CA ASP A 475 -23.52 10.50 -1.19
C ASP A 475 -23.87 11.85 -0.59
N PHE A 476 -25.12 12.27 -0.72
CA PHE A 476 -25.65 13.47 -0.06
C PHE A 476 -26.48 13.21 1.20
N SER A 477 -26.46 11.97 1.66
CA SER A 477 -27.35 11.56 2.75
C SER A 477 -27.16 12.37 4.01
N ASP A 478 -28.23 12.44 4.78
CA ASP A 478 -28.22 13.10 6.08
C ASP A 478 -27.87 14.57 5.94
N ASN A 479 -28.78 15.30 5.28
CA ASN A 479 -28.71 16.74 5.09
C ASN A 479 -30.12 17.29 5.18
N ALA A 480 -30.27 18.57 4.84
CA ALA A 480 -31.58 19.24 4.79
C ALA A 480 -32.16 19.39 3.38
N LEU A 481 -31.52 18.79 2.38
CA LEU A 481 -31.90 18.98 0.98
C LEU A 481 -33.39 18.78 0.70
N SER A 482 -33.95 19.66 -0.11
CA SER A 482 -35.38 19.66 -0.36
C SER A 482 -35.73 19.78 -1.84
N SER A 483 -37.02 19.98 -2.07
CA SER A 483 -37.66 19.92 -3.38
C SER A 483 -37.49 18.57 -4.07
N THR A 484 -37.31 18.58 -5.38
CA THR A 484 -37.40 17.32 -6.10
C THR A 484 -36.08 16.89 -6.67
N LEU A 485 -35.95 15.59 -6.83
CA LEU A 485 -34.82 15.03 -7.54
C LEU A 485 -34.96 15.53 -8.97
N PRO A 486 -33.86 16.06 -9.53
CA PRO A 486 -33.99 16.63 -10.87
C PRO A 486 -34.00 15.56 -11.95
N PRO A 487 -34.63 15.87 -13.11
CA PRO A 487 -34.50 14.98 -14.26
C PRO A 487 -33.07 14.94 -14.78
N GLY A 488 -32.29 15.98 -14.46
CA GLY A 488 -30.91 16.08 -14.86
C GLY A 488 -30.08 14.90 -14.38
N ILE A 489 -30.60 14.21 -13.38
CA ILE A 489 -29.96 13.02 -12.84
C ILE A 489 -29.69 12.02 -13.95
N GLY A 490 -30.54 12.06 -14.99
CA GLY A 490 -30.42 11.16 -16.10
C GLY A 490 -29.16 11.40 -16.91
N LEU A 491 -28.45 12.49 -16.60
CA LEU A 491 -27.25 12.82 -17.34
C LEU A 491 -25.95 12.28 -16.72
N LEU A 492 -26.02 11.69 -15.53
CA LEU A 492 -24.80 11.15 -14.96
C LEU A 492 -24.83 9.66 -15.29
N THR A 493 -24.11 9.32 -16.34
CA THR A 493 -24.28 8.02 -16.98
C THR A 493 -23.24 7.06 -16.45
N GLU A 494 -22.26 7.61 -15.75
CA GLU A 494 -21.19 6.83 -15.17
C GLU A 494 -21.47 6.58 -13.71
N LEU A 495 -22.56 7.13 -13.20
CA LEU A 495 -22.87 7.03 -11.78
C LEU A 495 -23.09 5.58 -11.39
N THR A 496 -22.67 5.24 -10.19
CA THR A 496 -22.67 3.84 -9.75
C THR A 496 -23.39 3.70 -8.42
N LYS A 497 -22.93 4.42 -7.41
CA LYS A 497 -23.67 4.53 -6.16
C LYS A 497 -24.24 5.93 -6.02
N LEU A 498 -25.52 6.01 -5.67
CA LEU A 498 -26.16 7.29 -5.40
C LEU A 498 -26.99 7.20 -4.13
N ASN A 499 -26.58 7.95 -3.13
CA ASN A 499 -27.25 7.95 -1.86
C ASN A 499 -27.76 9.34 -1.48
N LEU A 500 -29.07 9.50 -1.51
CA LEU A 500 -29.77 10.71 -1.10
C LEU A 500 -30.48 10.63 0.23
N ALA A 501 -30.28 9.52 0.95
CA ALA A 501 -31.07 9.20 2.15
C ALA A 501 -31.07 10.25 3.26
N LYS A 502 -32.14 10.27 4.04
CA LYS A 502 -32.29 11.18 5.18
C LYS A 502 -32.14 12.65 4.74
N ASN A 503 -33.07 13.10 3.91
CA ASN A 503 -33.19 14.50 3.48
C ASN A 503 -34.65 14.91 3.52
N ARG A 504 -34.94 16.11 3.02
CA ARG A 504 -36.31 16.61 2.83
C ARG A 504 -36.91 16.49 1.41
N LEU A 505 -36.22 15.79 0.51
CA LEU A 505 -36.63 15.63 -0.89
C LEU A 505 -38.06 15.11 -1.06
N SER A 506 -38.76 15.58 -2.09
CA SER A 506 -40.16 15.20 -2.33
C SER A 506 -40.49 15.11 -3.82
N GLY A 507 -41.78 14.97 -4.12
CA GLY A 507 -42.25 14.74 -5.48
C GLY A 507 -42.07 13.30 -5.96
N GLU A 508 -42.41 13.07 -7.21
CA GLU A 508 -42.25 11.78 -7.88
C GLU A 508 -40.79 11.47 -8.07
N ILE A 509 -40.47 10.19 -8.25
CA ILE A 509 -39.19 9.82 -8.83
C ILE A 509 -39.26 10.05 -10.34
N PRO A 510 -38.37 10.89 -10.88
CA PRO A 510 -38.35 11.19 -12.32
C PRO A 510 -38.03 9.95 -13.13
N ARG A 511 -38.67 9.78 -14.28
CA ARG A 511 -38.53 8.55 -15.05
C ARG A 511 -37.18 8.46 -15.75
N GLU A 512 -36.46 9.58 -15.82
CA GLU A 512 -35.16 9.63 -16.49
C GLU A 512 -34.04 8.92 -15.73
N ILE A 513 -34.32 8.41 -14.54
CA ILE A 513 -33.30 7.67 -13.80
C ILE A 513 -32.92 6.41 -14.58
N SER A 514 -33.82 5.98 -15.46
CA SER A 514 -33.62 4.74 -16.21
C SER A 514 -32.52 4.94 -17.22
N THR A 515 -32.22 6.19 -17.55
CA THR A 515 -31.08 6.45 -18.44
C THR A 515 -29.74 6.60 -17.73
N CYS A 516 -29.69 6.33 -16.43
CA CYS A 516 -28.39 6.18 -15.78
C CYS A 516 -28.09 4.71 -15.90
N ARG A 517 -27.19 4.37 -16.82
CA ARG A 517 -27.02 2.98 -17.19
C ARG A 517 -26.02 2.22 -16.31
N SER A 518 -25.26 2.95 -15.50
CA SER A 518 -24.22 2.32 -14.69
C SER A 518 -24.61 2.05 -13.23
N LEU A 519 -25.84 2.36 -12.84
CA LEU A 519 -26.18 2.46 -11.41
C LEU A 519 -26.25 1.11 -10.69
N GLN A 520 -25.38 0.90 -9.70
CA GLN A 520 -25.45 -0.28 -8.86
C GLN A 520 -26.12 -0.11 -7.50
N LEU A 521 -26.26 1.12 -7.05
CA LEU A 521 -26.86 1.40 -5.74
C LEU A 521 -27.66 2.68 -5.78
N LEU A 522 -28.89 2.60 -5.31
CA LEU A 522 -29.74 3.76 -5.20
C LEU A 522 -30.36 3.73 -3.82
N ASN A 523 -30.02 4.73 -2.98
CA ASN A 523 -30.66 4.89 -1.68
C ASN A 523 -31.44 6.21 -1.60
N LEU A 524 -32.76 6.09 -1.69
CA LEU A 524 -33.67 7.23 -1.54
C LEU A 524 -34.36 7.28 -0.18
N GLY A 525 -33.95 6.40 0.73
CA GLY A 525 -34.59 6.24 2.03
C GLY A 525 -34.77 7.48 2.89
N GLU A 526 -35.85 7.51 3.67
CA GLU A 526 -36.12 8.62 4.57
C GLU A 526 -36.17 9.98 3.86
N ASN A 527 -37.20 10.18 3.04
CA ASN A 527 -37.46 11.47 2.45
C ASN A 527 -38.95 11.67 2.36
N ASP A 528 -39.36 12.73 1.63
CA ASP A 528 -40.77 13.02 1.38
C ASP A 528 -41.35 12.54 0.04
N PHE A 529 -40.62 11.68 -0.68
CA PHE A 529 -41.07 11.22 -1.99
C PHE A 529 -42.46 10.64 -1.95
N SER A 530 -43.19 10.85 -3.04
CA SER A 530 -44.57 10.39 -3.14
C SER A 530 -44.84 9.96 -4.56
N GLY A 531 -46.10 9.63 -4.84
CA GLY A 531 -46.49 9.11 -6.13
C GLY A 531 -46.20 7.63 -6.21
N GLU A 532 -46.42 7.05 -7.39
CA GLU A 532 -46.16 5.64 -7.60
C GLU A 532 -44.72 5.47 -8.02
N ILE A 533 -44.07 4.42 -7.51
CA ILE A 533 -42.75 4.06 -7.96
C ILE A 533 -42.87 3.82 -9.46
N PRO A 534 -42.07 4.54 -10.25
CA PRO A 534 -42.23 4.48 -11.71
C PRO A 534 -41.78 3.15 -12.29
N ASP A 535 -42.40 2.80 -13.41
CA ASP A 535 -42.07 1.61 -14.16
C ASP A 535 -40.59 1.56 -14.56
N GLU A 536 -39.99 2.73 -14.72
CA GLU A 536 -38.61 2.82 -15.22
C GLU A 536 -37.56 2.39 -14.21
N LEU A 537 -37.94 2.30 -12.94
CA LEU A 537 -36.96 2.00 -11.91
C LEU A 537 -36.41 0.59 -12.07
N GLY A 538 -37.18 -0.26 -12.73
CA GLY A 538 -36.73 -1.62 -12.94
C GLY A 538 -35.87 -1.72 -14.16
N GLN A 539 -35.53 -0.58 -14.73
CA GLN A 539 -34.86 -0.60 -16.03
C GLN A 539 -33.34 -0.50 -16.08
N ILE A 540 -32.72 -0.38 -14.92
CA ILE A 540 -31.28 -0.46 -14.84
C ILE A 540 -31.01 -1.93 -14.53
N PRO A 541 -30.54 -2.68 -15.53
CA PRO A 541 -30.23 -4.10 -15.29
C PRO A 541 -29.05 -4.15 -14.34
N SER A 542 -28.40 -3.00 -14.26
CA SER A 542 -27.20 -2.80 -13.49
C SER A 542 -27.41 -2.80 -11.98
N LEU A 543 -28.65 -2.59 -11.52
CA LEU A 543 -28.89 -2.48 -10.07
C LEU A 543 -28.65 -3.83 -9.44
N ALA A 544 -27.65 -3.87 -8.58
CA ALA A 544 -27.08 -5.13 -8.10
C ALA A 544 -27.00 -5.08 -6.60
N ILE A 545 -26.31 -4.06 -6.12
CA ILE A 545 -25.98 -3.96 -4.71
C ILE A 545 -27.20 -3.68 -3.83
N SER A 546 -27.84 -2.53 -4.01
CA SER A 546 -28.95 -2.17 -3.15
C SER A 546 -29.99 -1.22 -3.75
N LEU A 547 -31.25 -1.37 -3.34
CA LEU A 547 -32.29 -0.39 -3.63
C LEU A 547 -33.10 -0.14 -2.37
N ASN A 548 -32.97 1.05 -1.80
CA ASN A 548 -33.67 1.41 -0.58
C ASN A 548 -34.63 2.55 -0.89
N LEU A 549 -35.91 2.22 -0.95
CA LEU A 549 -37.00 3.19 -1.11
C LEU A 549 -37.72 3.46 0.22
N SER A 550 -37.14 2.95 1.30
CA SER A 550 -37.84 2.94 2.58
C SER A 550 -38.13 4.34 3.12
N CYS A 551 -39.06 4.41 4.07
CA CYS A 551 -39.39 5.64 4.78
C CYS A 551 -39.72 6.84 3.89
N ASN A 552 -40.56 6.62 2.90
CA ASN A 552 -41.17 7.68 2.13
C ASN A 552 -42.69 7.56 2.16
N ARG A 553 -43.34 8.37 1.33
CA ARG A 553 -44.78 8.31 1.13
C ARG A 553 -45.29 7.54 -0.11
N PHE A 554 -44.43 6.77 -0.75
CA PHE A 554 -44.82 6.03 -1.97
C PHE A 554 -46.13 5.26 -1.81
N VAL A 555 -46.95 5.34 -2.86
CA VAL A 555 -48.17 4.55 -2.94
C VAL A 555 -48.24 3.72 -4.22
N GLY A 556 -49.30 2.94 -4.36
CA GLY A 556 -49.46 2.07 -5.51
C GLY A 556 -48.82 0.72 -5.27
N GLU A 557 -48.72 -0.07 -6.32
CA GLU A 557 -48.17 -1.41 -6.23
C GLU A 557 -46.73 -1.43 -6.70
N ILE A 558 -45.95 -2.34 -6.14
CA ILE A 558 -44.61 -2.60 -6.65
C ILE A 558 -44.75 -2.85 -8.14
N PRO A 559 -44.02 -2.05 -8.94
CA PRO A 559 -44.11 -2.09 -10.41
C PRO A 559 -43.65 -3.42 -11.01
N SER A 560 -44.24 -3.78 -12.15
CA SER A 560 -44.01 -5.08 -12.76
C SER A 560 -42.60 -5.27 -13.28
N ARG A 561 -42.04 -4.22 -13.91
CA ARG A 561 -40.68 -4.29 -14.45
C ARG A 561 -39.64 -4.61 -13.36
N PHE A 562 -40.05 -4.55 -12.09
CA PHE A 562 -39.17 -4.90 -10.97
C PHE A 562 -38.62 -6.31 -11.08
N SER A 563 -39.41 -7.22 -11.66
CA SER A 563 -39.00 -8.60 -11.84
C SER A 563 -37.77 -8.67 -12.75
N ASP A 564 -37.52 -7.58 -13.46
CA ASP A 564 -36.34 -7.46 -14.30
C ASP A 564 -35.11 -7.09 -13.49
N LEU A 565 -35.25 -6.80 -12.20
CA LEU A 565 -34.03 -6.51 -11.50
C LEU A 565 -33.60 -7.88 -11.04
N LYS A 566 -32.80 -8.51 -11.88
CA LYS A 566 -32.45 -9.90 -11.69
C LYS A 566 -31.15 -9.98 -10.92
N ASN A 567 -30.43 -8.86 -10.86
CA ASN A 567 -29.18 -8.82 -10.12
C ASN A 567 -29.27 -8.18 -8.73
N LEU A 568 -30.44 -7.67 -8.38
CA LEU A 568 -30.66 -7.03 -7.08
C LEU A 568 -30.44 -7.99 -5.94
N GLY A 569 -29.59 -7.62 -4.99
CA GLY A 569 -29.38 -8.43 -3.80
C GLY A 569 -30.02 -7.91 -2.52
N VAL A 570 -30.34 -6.62 -2.49
CA VAL A 570 -31.03 -6.03 -1.35
C VAL A 570 -32.08 -5.01 -1.79
N LEU A 571 -33.32 -5.23 -1.36
CA LEU A 571 -34.38 -4.27 -1.62
C LEU A 571 -35.07 -3.95 -0.31
N ASP A 572 -35.22 -2.67 0.00
CA ASP A 572 -35.96 -2.27 1.19
C ASP A 572 -37.00 -1.23 0.81
N VAL A 573 -38.26 -1.65 0.85
CA VAL A 573 -39.40 -0.78 0.59
C VAL A 573 -40.15 -0.32 1.85
N SER A 574 -39.61 -0.69 3.02
CA SER A 574 -40.29 -0.53 4.30
C SER A 574 -40.74 0.89 4.62
N HIS A 575 -41.80 0.98 5.42
CA HIS A 575 -42.36 2.25 5.83
C HIS A 575 -42.79 3.10 4.62
N ASN A 576 -43.74 2.56 3.87
CA ASN A 576 -44.42 3.28 2.79
C ASN A 576 -45.90 2.97 2.82
N GLN A 577 -46.65 3.49 1.84
CA GLN A 577 -48.07 3.22 1.65
C GLN A 577 -48.42 2.18 0.57
N LEU A 578 -47.40 1.47 0.10
CA LEU A 578 -47.55 0.49 -0.97
C LEU A 578 -48.61 -0.58 -0.68
N THR A 579 -49.30 -1.03 -1.74
CA THR A 579 -50.36 -2.05 -1.66
C THR A 579 -50.16 -3.12 -2.72
N GLY A 580 -51.09 -4.09 -2.75
CA GLY A 580 -51.02 -5.18 -3.70
C GLY A 580 -50.17 -6.32 -3.20
N ASN A 581 -49.92 -7.32 -4.04
CA ASN A 581 -49.14 -8.47 -3.61
C ASN A 581 -47.66 -8.37 -3.94
N LEU A 582 -46.89 -9.36 -3.53
CA LEU A 582 -45.46 -9.43 -3.83
C LEU A 582 -45.07 -10.36 -4.98
N ASN A 583 -46.05 -10.95 -5.67
CA ASN A 583 -45.79 -11.97 -6.68
C ASN A 583 -44.70 -11.58 -7.68
N VAL A 584 -44.63 -10.29 -7.99
CA VAL A 584 -43.63 -9.77 -8.91
C VAL A 584 -42.20 -9.90 -8.34
N LEU A 585 -42.09 -10.18 -7.04
CA LEU A 585 -40.80 -10.39 -6.39
C LEU A 585 -40.37 -11.84 -6.23
N THR A 586 -41.23 -12.78 -6.67
CA THR A 586 -41.02 -14.19 -6.34
C THR A 586 -40.09 -14.92 -7.30
N ASP A 587 -39.74 -14.28 -8.40
CA ASP A 587 -38.76 -14.86 -9.32
C ASP A 587 -37.33 -14.33 -9.15
N LEU A 588 -37.09 -13.47 -8.16
CA LEU A 588 -35.78 -12.86 -8.10
C LEU A 588 -34.87 -13.74 -7.27
N GLN A 589 -34.04 -14.52 -7.94
CA GLN A 589 -33.31 -15.60 -7.29
C GLN A 589 -32.11 -15.09 -6.53
N ASN A 590 -31.58 -13.95 -6.97
CA ASN A 590 -30.42 -13.39 -6.31
C ASN A 590 -30.79 -12.50 -5.16
N LEU A 591 -32.10 -12.36 -4.94
CA LEU A 591 -32.56 -11.54 -3.84
C LEU A 591 -32.10 -12.16 -2.54
N VAL A 592 -31.40 -11.35 -1.76
CA VAL A 592 -30.73 -11.77 -0.54
C VAL A 592 -31.47 -11.20 0.67
N SER A 593 -31.63 -9.88 0.72
CA SER A 593 -32.35 -9.21 1.80
C SER A 593 -33.55 -8.43 1.29
N LEU A 594 -34.72 -8.62 1.91
CA LEU A 594 -35.95 -7.94 1.49
C LEU A 594 -36.74 -7.44 2.68
N ASN A 595 -36.91 -6.12 2.79
CA ASN A 595 -37.69 -5.58 3.89
C ASN A 595 -38.95 -4.93 3.33
N ILE A 596 -40.07 -5.66 3.45
CA ILE A 596 -41.38 -5.18 2.99
C ILE A 596 -42.26 -4.65 4.11
N SER A 597 -41.70 -4.60 5.32
CA SER A 597 -42.45 -4.33 6.53
C SER A 597 -43.08 -2.96 6.52
N TYR A 598 -44.11 -2.78 7.35
CA TYR A 598 -44.83 -1.51 7.47
C TYR A 598 -45.26 -0.95 6.13
N ASN A 599 -46.17 -1.68 5.47
CA ASN A 599 -46.80 -1.25 4.24
C ASN A 599 -48.22 -1.81 4.22
N ASP A 600 -48.95 -1.58 3.13
CA ASP A 600 -50.32 -2.08 2.99
C ASP A 600 -50.51 -3.36 2.18
N PHE A 601 -49.41 -4.05 1.89
CA PHE A 601 -49.44 -5.31 1.13
C PHE A 601 -50.37 -6.41 1.68
N SER A 602 -50.89 -7.22 0.78
CA SER A 602 -51.78 -8.34 1.09
C SER A 602 -51.66 -9.44 0.02
N GLY A 603 -52.08 -10.66 0.38
CA GLY A 603 -51.93 -11.80 -0.50
C GLY A 603 -50.89 -12.78 0.00
N ASP A 604 -50.76 -13.92 -0.66
CA ASP A 604 -49.95 -15.01 -0.16
C ASP A 604 -48.52 -15.03 -0.71
N LEU A 605 -47.59 -15.50 0.12
CA LEU A 605 -46.22 -15.72 -0.32
C LEU A 605 -45.95 -17.22 -0.31
N PRO A 606 -45.15 -17.70 -1.26
CA PRO A 606 -44.78 -19.12 -1.32
C PRO A 606 -44.02 -19.56 -0.08
N ASN A 607 -43.92 -20.88 0.11
CA ASN A 607 -43.27 -21.49 1.26
C ASN A 607 -41.77 -21.70 1.03
N THR A 608 -41.22 -21.04 0.01
CA THR A 608 -39.78 -21.09 -0.27
C THR A 608 -39.00 -20.73 1.00
N PRO A 609 -37.73 -21.18 1.08
CA PRO A 609 -36.92 -20.91 2.28
C PRO A 609 -36.64 -19.42 2.43
N PHE A 610 -36.75 -18.69 1.32
CA PHE A 610 -36.65 -17.25 1.41
C PHE A 610 -37.71 -16.66 2.35
N PHE A 611 -38.98 -16.79 1.98
CA PHE A 611 -40.03 -16.03 2.66
C PHE A 611 -40.30 -16.49 4.09
N ARG A 612 -39.93 -17.73 4.40
CA ARG A 612 -40.08 -18.23 5.77
C ARG A 612 -39.00 -17.62 6.65
N ARG A 613 -38.03 -16.98 6.00
CA ARG A 613 -36.99 -16.23 6.70
C ARG A 613 -37.43 -14.80 7.06
N LEU A 614 -38.28 -14.19 6.23
CA LEU A 614 -38.87 -12.89 6.56
C LEU A 614 -39.50 -12.99 7.93
N PRO A 615 -39.21 -12.02 8.82
CA PRO A 615 -39.76 -12.05 10.18
C PRO A 615 -41.28 -12.09 10.16
N LEU A 616 -41.90 -12.57 11.22
CA LEU A 616 -43.36 -12.62 11.26
C LEU A 616 -43.95 -11.26 11.61
N SER A 617 -43.24 -10.49 12.43
CA SER A 617 -43.66 -9.12 12.72
C SER A 617 -43.57 -8.28 11.44
N ASP A 618 -42.64 -8.64 10.56
CA ASP A 618 -42.55 -8.00 9.26
C ASP A 618 -43.85 -8.15 8.50
N LEU A 619 -44.36 -9.38 8.39
CA LEU A 619 -45.61 -9.63 7.70
C LEU A 619 -46.77 -9.01 8.46
N ALA A 620 -46.59 -8.90 9.77
CA ALA A 620 -47.64 -8.43 10.69
C ALA A 620 -47.93 -6.93 10.59
N SER A 621 -46.97 -6.17 10.06
CA SER A 621 -47.11 -4.71 9.96
C SER A 621 -47.87 -4.30 8.72
N ASN A 622 -48.12 -5.27 7.86
CA ASN A 622 -48.89 -5.06 6.62
C ASN A 622 -50.41 -5.19 6.75
N ARG A 623 -51.10 -5.28 5.62
CA ARG A 623 -52.55 -5.49 5.61
C ARG A 623 -52.93 -6.98 5.65
N GLY A 624 -52.61 -7.68 4.55
CA GLY A 624 -52.89 -9.08 4.35
C GLY A 624 -51.80 -10.13 4.19
N LEU A 625 -50.59 -9.95 4.70
CA LEU A 625 -49.54 -10.88 4.31
C LEU A 625 -49.49 -12.17 5.12
N TYR A 626 -49.40 -13.30 4.41
CA TYR A 626 -49.26 -14.61 5.05
C TYR A 626 -48.60 -15.63 4.12
N ILE A 627 -47.82 -16.55 4.69
CA ILE A 627 -47.24 -17.64 3.90
C ILE A 627 -48.27 -18.73 3.57
N SER A 628 -48.26 -19.19 2.33
CA SER A 628 -49.22 -20.19 1.88
C SER A 628 -48.58 -21.57 1.71
N ASN A 629 -49.42 -22.54 1.35
CA ASN A 629 -48.99 -23.90 1.08
C ASN A 629 -49.56 -24.32 -0.26
N ALA A 630 -48.70 -24.72 -1.18
CA ALA A 630 -49.14 -25.06 -2.53
C ALA A 630 -49.99 -26.32 -2.50
N ILE A 631 -51.00 -26.35 -3.38
CA ILE A 631 -51.88 -27.49 -3.51
C ILE A 631 -51.11 -28.65 -4.14
N SER A 632 -51.09 -29.79 -3.45
CA SER A 632 -50.30 -30.94 -3.88
C SER A 632 -50.91 -31.58 -5.12
N ASP B 1 13.21 -11.85 -10.53
CA ASP B 1 14.28 -11.87 -9.52
C ASP B 1 13.68 -11.83 -8.12
N PRO B 3 13.23 -9.21 -5.25
CA PRO B 3 13.11 -7.76 -5.39
C PRO B 3 14.21 -6.96 -4.71
N LYS B 4 14.58 -5.86 -5.35
CA LYS B 4 15.58 -4.94 -4.82
C LYS B 4 15.10 -4.40 -3.47
N PRO B 5 16.03 -3.96 -2.60
CA PRO B 5 15.70 -3.48 -1.26
C PRO B 5 14.67 -2.36 -1.30
N SER B 6 13.74 -2.33 -0.35
CA SER B 6 12.76 -1.25 -0.34
C SER B 6 12.31 -0.84 1.04
N THR B 7 11.78 0.37 1.13
CA THR B 7 11.16 0.89 2.33
C THR B 7 9.75 0.27 2.47
N ARG B 8 9.21 0.25 3.69
CA ARG B 8 7.82 -0.10 3.85
C ARG B 8 6.97 0.81 2.99
N PRO B 9 6.06 0.24 2.20
CA PRO B 9 5.19 1.04 1.34
C PRO B 9 4.38 2.01 2.16
N ARG B 11 1.36 4.41 3.57
CA ARG B 11 -0.07 4.30 3.69
C ARG B 11 -0.67 5.66 4.06
N HIS B 12 -1.80 5.99 3.44
CA HIS B 12 -2.54 7.18 3.85
C HIS B 12 -4.03 6.83 3.82
N ASN B 13 -4.86 7.71 4.36
CA ASN B 13 -6.30 7.52 4.31
C ASN B 13 -6.85 8.01 2.99
#